data_8JQ0
#
_entry.id   8JQ0
#
_cell.length_a   126.563
_cell.length_b   46.864
_cell.length_c   79.047
_cell.angle_alpha   90.00
_cell.angle_beta   124.89
_cell.angle_gamma   90.00
#
_symmetry.space_group_name_H-M   'C 1 2 1'
#
loop_
_entity.id
_entity.type
_entity.pdbx_description
1 polymer 'HKR3 protein'
2 polymer "DNA (5'-D(*CP*AP*CP*AP*AP*GP*TP*GP*AP*GP*GP*GP*AP*TP*CP*A)-3')"
3 polymer "DNA (5'-D(*GP*TP*GP*AP*TP*CP*CP*CP*TP*CP*AP*CP*TP*TP*GP*T)-3')"
4 non-polymer 'ZINC ION'
#
loop_
_entity_poly.entity_id
_entity_poly.type
_entity_poly.pdbx_seq_one_letter_code
_entity_poly.pdbx_strand_id
1 'polypeptide(L)' RPHFCQICGKTFKAVEQLRVHVRRHKGVRKFECTECGYKFTRQAHLRRHMEIHDRVENYNPRQRKLRNLIIED A,D
2 'polydeoxyribonucleotide' (DC)(DA)(DC)(DA)(DA)(DG)(DT)(DG)(DA)(DG)(DG)(DG)(DA)(DT)(DC)(DA) B,E
3 'polydeoxyribonucleotide' (DG)(DT)(DG)(DA)(DT)(DC)(DC)(DC)(DT)(DC)(DA)(DC)(DT)(DT)(DG)(DT) C,F
#
# COMPACT_ATOMS: atom_id res chain seq x y z
N HIS A 3 20.84 5.37 -16.25
CA HIS A 3 20.38 4.44 -17.28
C HIS A 3 19.05 4.91 -17.88
N PHE A 4 19.04 5.10 -19.19
CA PHE A 4 17.86 5.54 -19.91
C PHE A 4 17.46 4.49 -20.95
N CYS A 5 16.32 4.73 -21.58
CA CYS A 5 15.76 3.81 -22.56
C CYS A 5 15.72 4.46 -23.93
N GLN A 6 16.04 3.70 -24.97
CA GLN A 6 16.05 4.24 -26.33
C GLN A 6 14.65 4.46 -26.88
N ILE A 7 13.61 4.01 -26.17
CA ILE A 7 12.24 4.22 -26.63
C ILE A 7 11.66 5.52 -26.07
N CYS A 8 11.71 5.71 -24.75
CA CYS A 8 11.16 6.90 -24.13
C CYS A 8 12.24 7.93 -23.79
N GLY A 9 13.43 7.50 -23.44
CA GLY A 9 14.40 8.37 -22.80
C GLY A 9 14.24 8.47 -21.31
N LYS A 10 13.25 7.78 -20.74
CA LYS A 10 13.01 7.83 -19.30
C LYS A 10 14.19 7.22 -18.55
N THR A 11 14.76 7.98 -17.64
CA THR A 11 15.90 7.53 -16.87
C THR A 11 15.46 6.62 -15.74
N PHE A 12 16.33 5.67 -15.38
CA PHE A 12 16.06 4.74 -14.29
C PHE A 12 17.32 4.60 -13.44
N LYS A 13 17.14 4.70 -12.12
CA LYS A 13 18.26 4.66 -11.18
C LYS A 13 18.91 3.28 -11.10
N ALA A 14 18.30 2.25 -11.69
CA ALA A 14 18.86 0.91 -11.64
C ALA A 14 18.47 0.16 -12.90
N VAL A 15 19.44 -0.58 -13.46
CA VAL A 15 19.17 -1.38 -14.65
C VAL A 15 18.18 -2.49 -14.36
N GLU A 16 18.02 -2.87 -13.09
CA GLU A 16 17.06 -3.91 -12.73
C GLU A 16 15.64 -3.49 -13.07
N GLN A 17 15.29 -2.23 -12.80
CA GLN A 17 13.95 -1.72 -13.05
C GLN A 17 13.83 -0.98 -14.38
N LEU A 18 14.95 -0.60 -14.99
CA LEU A 18 14.90 -0.18 -16.39
C LEU A 18 14.55 -1.35 -17.29
N ARG A 19 15.10 -2.54 -16.99
CA ARG A 19 14.86 -3.70 -17.83
C ARG A 19 13.41 -4.14 -17.78
N VAL A 20 12.78 -4.09 -16.60
CA VAL A 20 11.36 -4.40 -16.50
C VAL A 20 10.49 -3.33 -17.15
N HIS A 21 11.06 -2.15 -17.44
CA HIS A 21 10.32 -1.13 -18.17
C HIS A 21 10.38 -1.38 -19.67
N VAL A 22 11.52 -1.85 -20.18
CA VAL A 22 11.59 -2.22 -21.59
C VAL A 22 10.71 -3.42 -21.88
N ARG A 23 10.51 -4.30 -20.90
CA ARG A 23 9.59 -5.41 -21.07
C ARG A 23 8.15 -4.93 -21.19
N ARG A 24 7.83 -3.76 -20.62
CA ARG A 24 6.50 -3.19 -20.75
C ARG A 24 6.23 -2.63 -22.15
N HIS A 25 7.27 -2.49 -22.98
CA HIS A 25 7.10 -1.93 -24.31
C HIS A 25 6.50 -2.93 -25.29
N LYS A 26 6.81 -4.21 -25.14
CA LYS A 26 6.24 -5.21 -26.04
C LYS A 26 4.75 -5.41 -25.83
N GLY A 27 4.19 -4.87 -24.74
CA GLY A 27 2.76 -4.89 -24.52
C GLY A 27 2.15 -6.28 -24.43
N VAL A 28 2.69 -7.11 -23.54
CA VAL A 28 2.18 -8.46 -23.36
C VAL A 28 0.98 -8.41 -22.42
N ARG A 29 -0.18 -8.84 -22.93
CA ARG A 29 -1.42 -8.88 -22.17
C ARG A 29 -1.86 -10.34 -22.04
N LYS A 30 -1.23 -11.06 -21.11
CA LYS A 30 -1.47 -12.48 -20.94
C LYS A 30 -2.58 -12.79 -19.93
N PHE A 31 -3.17 -11.77 -19.30
CA PHE A 31 -4.24 -11.95 -18.33
C PHE A 31 -5.53 -11.38 -18.90
N GLU A 32 -6.54 -12.23 -19.04
CA GLU A 32 -7.81 -11.85 -19.65
C GLU A 32 -8.95 -12.14 -18.69
N CYS A 33 -9.88 -11.19 -18.60
CA CYS A 33 -11.06 -11.39 -17.75
C CYS A 33 -12.00 -12.39 -18.39
N THR A 34 -12.47 -13.34 -17.59
CA THR A 34 -13.33 -14.41 -18.10
C THR A 34 -14.79 -14.01 -18.08
N GLU A 35 -15.07 -12.71 -18.16
CA GLU A 35 -16.45 -12.23 -18.18
C GLU A 35 -16.66 -11.23 -19.31
N CYS A 36 -15.79 -10.22 -19.40
CA CYS A 36 -15.87 -9.24 -20.46
C CYS A 36 -14.72 -9.36 -21.46
N GLY A 37 -13.84 -10.35 -21.30
CA GLY A 37 -12.80 -10.61 -22.27
C GLY A 37 -11.71 -9.57 -22.37
N TYR A 38 -11.62 -8.65 -21.40
CA TYR A 38 -10.62 -7.59 -21.45
C TYR A 38 -9.26 -8.13 -21.01
N LYS A 39 -8.23 -7.79 -21.78
CA LYS A 39 -6.88 -8.28 -21.52
C LYS A 39 -6.11 -7.31 -20.64
N PHE A 40 -5.28 -7.86 -19.75
CA PHE A 40 -4.56 -7.08 -18.76
C PHE A 40 -3.07 -7.36 -18.84
N THR A 41 -2.27 -6.37 -18.42
CA THR A 41 -0.83 -6.53 -18.38
C THR A 41 -0.32 -7.13 -17.06
N ARG A 42 -1.11 -7.03 -16.00
CA ARG A 42 -0.73 -7.56 -14.69
C ARG A 42 -1.88 -8.34 -14.09
N GLN A 43 -1.54 -9.34 -13.26
CA GLN A 43 -2.57 -10.08 -12.55
C GLN A 43 -3.31 -9.18 -11.57
N ALA A 44 -2.60 -8.27 -10.91
CA ALA A 44 -3.25 -7.36 -9.97
C ALA A 44 -4.27 -6.47 -10.66
N HIS A 45 -4.02 -6.11 -11.92
CA HIS A 45 -5.00 -5.34 -12.68
C HIS A 45 -6.26 -6.15 -12.94
N LEU A 46 -6.15 -7.48 -12.98
CA LEU A 46 -7.30 -8.32 -13.24
C LEU A 46 -8.14 -8.52 -11.98
N ARG A 47 -7.49 -8.80 -10.85
CA ARG A 47 -8.23 -9.00 -9.60
C ARG A 47 -8.91 -7.73 -9.15
N ARG A 48 -8.25 -6.58 -9.33
CA ARG A 48 -8.89 -5.31 -9.02
C ARG A 48 -10.07 -5.04 -9.94
N HIS A 49 -10.02 -5.58 -11.16
CA HIS A 49 -11.09 -5.33 -12.12
C HIS A 49 -12.36 -6.09 -11.76
N MET A 50 -12.22 -7.31 -11.21
CA MET A 50 -13.40 -8.07 -10.84
C MET A 50 -14.12 -7.50 -9.63
N GLU A 51 -13.43 -6.69 -8.81
CA GLU A 51 -14.11 -6.06 -7.67
C GLU A 51 -15.18 -5.11 -8.14
N ILE A 52 -15.06 -4.56 -9.35
CA ILE A 52 -16.12 -3.74 -9.93
C ILE A 52 -17.16 -4.58 -10.66
N HIS A 53 -16.81 -5.81 -11.06
CA HIS A 53 -17.81 -6.71 -11.64
C HIS A 53 -18.82 -7.17 -10.60
N ASP A 54 -18.48 -7.08 -9.31
CA ASP A 54 -19.43 -7.42 -8.26
C ASP A 54 -20.36 -6.27 -7.93
N ARG A 55 -19.92 -5.03 -8.18
CA ARG A 55 -20.74 -3.86 -7.93
C ARG A 55 -21.86 -3.76 -8.95
N VAL A 56 -21.50 -3.52 -10.21
CA VAL A 56 -22.47 -3.38 -11.29
C VAL A 56 -22.61 -4.74 -11.97
N GLU A 57 -23.75 -4.93 -12.64
CA GLU A 57 -24.02 -6.17 -13.35
C GLU A 57 -23.56 -6.12 -14.80
N ASN A 58 -23.85 -5.02 -15.50
CA ASN A 58 -23.49 -4.86 -16.90
C ASN A 58 -22.22 -4.00 -16.96
N TYR A 59 -21.08 -4.66 -17.12
CA TYR A 59 -19.78 -3.99 -17.22
C TYR A 59 -19.09 -4.48 -18.48
N ASN A 60 -18.72 -3.56 -19.37
CA ASN A 60 -17.93 -3.90 -20.55
C ASN A 60 -17.15 -2.68 -21.02
N PRO A 61 -15.86 -2.58 -20.67
CA PRO A 61 -15.08 -1.40 -21.08
C PRO A 61 -14.42 -1.63 -22.43
N ARG A 62 -14.05 -0.51 -23.07
CA ARG A 62 -13.30 -0.57 -24.31
C ARG A 62 -11.81 -0.72 -24.03
N GLN A 63 -11.11 -1.34 -24.98
CA GLN A 63 -9.67 -1.57 -24.87
C GLN A 63 -8.91 -0.25 -24.76
N ARG A 64 -8.38 0.03 -23.58
CA ARG A 64 -7.62 1.26 -23.37
C ARG A 64 -6.20 1.12 -23.92
N LYS A 65 -5.64 2.24 -24.36
CA LYS A 65 -4.30 2.24 -24.92
C LYS A 65 -3.24 2.20 -23.84
N LEU A 66 -2.15 1.49 -24.11
CA LEU A 66 -0.97 1.54 -23.25
C LEU A 66 -0.21 2.84 -23.47
N ARG A 67 0.40 3.32 -22.38
CA ARG A 67 0.93 4.68 -22.37
C ARG A 67 2.26 4.80 -23.10
N ASN A 68 3.11 3.79 -23.05
CA ASN A 68 4.37 3.80 -23.78
C ASN A 68 4.31 2.81 -24.93
N LEU A 69 4.94 3.19 -26.05
CA LEU A 69 4.93 2.36 -27.25
C LEU A 69 5.88 1.17 -27.12
N PRO D 2 -5.39 26.86 10.93
CA PRO D 2 -5.30 25.50 10.36
C PRO D 2 -3.90 25.19 9.84
N HIS D 3 -3.31 24.10 10.32
CA HIS D 3 -1.97 23.68 9.93
C HIS D 3 -2.05 22.33 9.23
N PHE D 4 -1.41 22.24 8.07
CA PHE D 4 -1.46 21.03 7.25
C PHE D 4 -0.19 20.22 7.43
N CYS D 5 -0.32 18.91 7.33
CA CYS D 5 0.83 18.03 7.42
C CYS D 5 1.53 17.92 6.06
N GLN D 6 2.87 18.00 6.09
CA GLN D 6 3.62 17.95 4.85
C GLN D 6 3.49 16.61 4.15
N ILE D 7 3.33 15.52 4.91
CA ILE D 7 3.22 14.19 4.33
C ILE D 7 1.75 13.84 4.12
N CYS D 8 1.00 13.72 5.21
CA CYS D 8 -0.39 13.30 5.12
C CYS D 8 -1.26 14.37 4.49
N GLY D 9 -1.24 15.58 5.05
CA GLY D 9 -2.16 16.63 4.68
C GLY D 9 -3.30 16.83 5.66
N LYS D 10 -3.30 16.13 6.78
CA LYS D 10 -4.34 16.29 7.78
C LYS D 10 -4.22 17.66 8.45
N THR D 11 -5.35 18.31 8.66
CA THR D 11 -5.37 19.63 9.26
C THR D 11 -5.20 19.54 10.77
N PHE D 12 -4.58 20.57 11.34
CA PHE D 12 -4.34 20.63 12.78
C PHE D 12 -4.50 22.06 13.26
N LYS D 13 -5.25 22.23 14.35
CA LYS D 13 -5.49 23.57 14.89
C LYS D 13 -4.27 24.14 15.60
N ALA D 14 -3.33 23.30 16.02
CA ALA D 14 -2.14 23.74 16.74
C ALA D 14 -0.90 23.17 16.08
N VAL D 15 0.12 24.02 15.95
CA VAL D 15 1.38 23.57 15.35
C VAL D 15 2.08 22.52 16.21
N GLU D 16 1.76 22.46 17.51
CA GLU D 16 2.36 21.44 18.35
C GLU D 16 1.79 20.06 18.05
N GLN D 17 0.46 19.98 17.87
CA GLN D 17 -0.16 18.70 17.53
C GLN D 17 0.27 18.24 16.14
N LEU D 18 0.54 19.18 15.23
CA LEU D 18 1.08 18.81 13.92
C LEU D 18 2.47 18.20 14.06
N ARG D 19 3.31 18.77 14.93
CA ARG D 19 4.64 18.22 15.16
C ARG D 19 4.56 16.82 15.76
N VAL D 20 3.66 16.62 16.73
CA VAL D 20 3.47 15.30 17.32
C VAL D 20 2.97 14.31 16.29
N HIS D 21 2.15 14.77 15.34
CA HIS D 21 1.63 13.88 14.30
C HIS D 21 2.70 13.50 13.30
N VAL D 22 3.67 14.39 13.05
CA VAL D 22 4.72 14.10 12.08
C VAL D 22 5.63 12.99 12.59
N ARG D 23 5.93 13.00 13.89
CA ARG D 23 6.74 11.94 14.47
C ARG D 23 6.09 10.57 14.28
N ARG D 24 4.76 10.52 14.25
CA ARG D 24 4.06 9.25 14.02
C ARG D 24 4.27 8.73 12.61
N HIS D 25 4.76 9.56 11.69
CA HIS D 25 5.02 9.12 10.33
C HIS D 25 6.28 8.28 10.20
N LYS D 26 7.09 8.19 11.26
CA LYS D 26 8.29 7.36 11.22
C LYS D 26 7.98 5.90 11.52
N GLY D 27 6.88 5.62 12.20
CA GLY D 27 6.49 4.24 12.46
C GLY D 27 7.28 3.54 13.54
N VAL D 28 7.82 4.28 14.51
CA VAL D 28 8.61 3.69 15.56
C VAL D 28 7.71 2.86 16.47
N ARG D 29 8.03 1.58 16.63
CA ARG D 29 7.33 0.68 17.54
C ARG D 29 8.31 0.33 18.66
N LYS D 30 8.45 1.25 19.61
CA LYS D 30 9.47 1.18 20.64
C LYS D 30 9.11 0.24 21.79
N PHE D 31 7.91 -0.34 21.79
CA PHE D 31 7.43 -1.13 22.92
C PHE D 31 7.01 -2.51 22.44
N GLU D 32 7.91 -3.48 22.60
CA GLU D 32 7.65 -4.86 22.20
C GLU D 32 7.14 -5.65 23.40
N CYS D 33 6.08 -6.44 23.17
CA CYS D 33 5.54 -7.27 24.23
C CYS D 33 6.46 -8.44 24.52
N THR D 34 6.61 -8.76 25.80
CA THR D 34 7.50 -9.85 26.21
C THR D 34 6.90 -11.22 25.97
N GLU D 35 5.58 -11.34 25.87
CA GLU D 35 4.92 -12.63 25.68
C GLU D 35 4.85 -12.99 24.19
N CYS D 36 4.03 -12.25 23.44
CA CYS D 36 3.76 -12.57 22.04
C CYS D 36 4.62 -11.79 21.05
N GLY D 37 5.53 -10.94 21.54
CA GLY D 37 6.44 -10.24 20.65
C GLY D 37 5.83 -9.11 19.85
N TYR D 38 4.60 -8.71 20.16
CA TYR D 38 3.98 -7.59 19.45
C TYR D 38 4.65 -6.28 19.85
N LYS D 39 4.99 -5.47 18.85
CA LYS D 39 5.63 -4.17 19.06
C LYS D 39 4.61 -3.06 18.84
N PHE D 40 4.51 -2.16 19.80
CA PHE D 40 3.48 -1.12 19.81
C PHE D 40 4.10 0.26 19.69
N THR D 41 3.27 1.23 19.29
CA THR D 41 3.72 2.60 19.15
C THR D 41 3.73 3.35 20.48
N ARG D 42 2.81 3.01 21.39
CA ARG D 42 2.72 3.66 22.69
C ARG D 42 2.90 2.62 23.80
N GLN D 43 3.32 3.11 24.97
CA GLN D 43 3.43 2.24 26.13
C GLN D 43 2.06 1.87 26.68
N ALA D 44 1.12 2.82 26.67
CA ALA D 44 -0.23 2.53 27.14
C ALA D 44 -0.90 1.46 26.30
N HIS D 45 -0.54 1.38 25.01
CA HIS D 45 -1.05 0.29 24.18
C HIS D 45 -0.55 -1.06 24.67
N LEU D 46 0.70 -1.12 25.13
CA LEU D 46 1.24 -2.35 25.68
C LEU D 46 0.54 -2.73 26.98
N ARG D 47 0.35 -1.76 27.87
CA ARG D 47 -0.37 -2.03 29.11
C ARG D 47 -1.81 -2.41 28.85
N ARG D 48 -2.44 -1.83 27.82
CA ARG D 48 -3.77 -2.24 27.42
C ARG D 48 -3.75 -3.64 26.80
N HIS D 49 -2.65 -4.00 26.15
CA HIS D 49 -2.55 -5.30 25.48
C HIS D 49 -2.30 -6.43 26.47
N MET D 50 -1.44 -6.19 27.47
CA MET D 50 -1.12 -7.23 28.44
C MET D 50 -2.31 -7.61 29.31
N GLU D 51 -3.32 -6.76 29.39
CA GLU D 51 -4.52 -7.11 30.13
C GLU D 51 -5.27 -8.26 29.48
N ILE D 52 -5.15 -8.42 28.17
CA ILE D 52 -5.80 -9.52 27.47
C ILE D 52 -5.04 -10.82 27.73
N HIS D 53 -3.71 -10.75 27.81
CA HIS D 53 -2.92 -11.93 28.10
C HIS D 53 -3.32 -12.57 29.43
N ASP D 54 -3.71 -11.76 30.40
CA ASP D 54 -4.26 -12.26 31.66
C ASP D 54 -5.74 -12.60 31.56
N ARG D 55 -6.16 -13.12 30.40
CA ARG D 55 -7.57 -13.43 30.17
C ARG D 55 -7.70 -14.44 29.05
N VAL D 56 -6.72 -14.49 28.15
CA VAL D 56 -6.71 -15.40 27.01
C VAL D 56 -5.32 -15.98 26.85
N GLU D 57 -5.23 -17.30 26.81
CA GLU D 57 -3.96 -17.98 26.60
C GLU D 57 -3.69 -18.17 25.11
N ASN D 58 -2.42 -18.43 24.79
CA ASN D 58 -1.97 -18.63 23.42
C ASN D 58 -2.29 -17.42 22.53
N TYR D 59 -2.35 -16.23 23.13
CA TYR D 59 -2.68 -15.03 22.39
C TYR D 59 -1.44 -14.56 21.63
N ASN D 60 -1.57 -14.44 20.30
CA ASN D 60 -0.49 -13.95 19.45
C ASN D 60 -1.09 -13.25 18.24
N PRO D 61 -1.62 -12.05 18.42
CA PRO D 61 -2.27 -11.36 17.29
C PRO D 61 -1.24 -10.88 16.28
N ARG D 62 -1.61 -10.97 15.01
CA ARG D 62 -0.74 -10.48 13.95
C ARG D 62 -0.76 -8.95 13.91
N GLN D 63 0.37 -8.37 13.51
CA GLN D 63 0.51 -6.93 13.51
C GLN D 63 -0.43 -6.29 12.49
N ARG D 64 -1.15 -5.26 12.92
CA ARG D 64 -2.01 -4.50 12.04
C ARG D 64 -1.19 -3.41 11.33
N LYS D 65 -1.79 -2.85 10.28
CA LYS D 65 -1.13 -1.79 9.52
C LYS D 65 -1.26 -0.45 10.25
N LEU D 66 -0.20 0.34 10.20
CA LEU D 66 -0.29 1.71 10.69
C LEU D 66 -1.15 2.54 9.74
N ARG D 67 -1.94 3.45 10.31
CA ARG D 67 -2.90 4.22 9.55
C ARG D 67 -2.29 5.46 8.90
N ASN D 68 -0.98 5.52 8.75
CA ASN D 68 -0.31 6.63 8.10
C ASN D 68 0.87 6.10 7.30
N LEU D 69 1.40 6.96 6.42
CA LEU D 69 2.54 6.58 5.60
C LEU D 69 3.80 6.49 6.46
N ILE D 70 4.90 6.06 5.83
CA ILE D 70 6.17 5.94 6.51
C ILE D 70 7.30 6.45 5.61
#